data_4Y76
#
_entry.id   4Y76
#
_cell.length_a   56.648
_cell.length_b   72.805
_cell.length_c   80.021
_cell.angle_alpha   90.000
_cell.angle_beta   90.000
_cell.angle_gamma   90.000
#
_symmetry.space_group_name_H-M   'P 21 21 21'
#
loop_
_entity.id
_entity.type
_entity.pdbx_description
1 polymer 'Coagulation factor X'
2 polymer 'Coagulation factor X'
3 non-polymer 'CALCIUM ION'
4 non-polymer N~2~-[(6-chloronaphthalen-2-yl)sulfonyl]-N~2~-{(3S)-1-[(2S)-1-(4-methyl-1,4-diazepan-1-yl)-1-oxopropan-2-yl]-2-oxopyrrolidin-3-yl}glycinamide
5 water water
#
loop_
_entity_poly.entity_id
_entity_poly.type
_entity_poly.pdbx_seq_one_letter_code
_entity_poly.pdbx_strand_id
1 'polypeptide(L)'
;IVGGQECKDGECPWQALLINEENEGFCGGTILSEFYILTAAHCLYQAKRFKVRVGDRNTEQEEGGEAVHEVEVVIKHNRF
TKETYDFDIAVLRLKTPITFRMNVAPACLPERDWAESTLMTQKTGIVSGFGRTHEKGRQSTRLKMLEVPYVDRNSCKLSS
SFIITQNMFCAGYDTKQEDACQGDSGGPHVTRFKDTYFVTGIVSWGEGCARKGKYGIYTKVTAFLKWIDRSMKTRGLPKA
KSHAPEVITSSPLK
;
A
2 'polypeptide(L)'
;EEMKKGHLERECMEETCSYEEAREVFEDSDKTNEFWNKYKDGDQCETSPCQNQGKCKDGLGEYTCTCLEGFEGKNCELFT
RKLCSLDNGDCDQFCHEEQNSVVCSCARGYTLADNGKACIPTGPYPCGKQTLER
;
B
#
loop_
_chem_comp.id
_chem_comp.type
_chem_comp.name
_chem_comp.formula
4O1 non-polymer N~2~-[(6-chloronaphthalen-2-yl)sulfonyl]-N~2~-{(3S)-1-[(2S)-1-(4-methyl-1,4-diazepan-1-yl)-1-oxopropan-2-yl]-2-oxopyrrolidin-3-yl}glycinamide 'C25 H32 Cl N5 O5 S'
CA non-polymer 'CALCIUM ION' 'Ca 2'
#
# COMPACT_ATOMS: atom_id res chain seq x y z
N ILE A 1 -11.64 -6.76 4.76
CA ILE A 1 -10.67 -7.90 4.89
C ILE A 1 -11.41 -9.14 5.41
N VAL A 2 -11.33 -10.23 4.66
CA VAL A 2 -11.90 -11.53 5.05
C VAL A 2 -10.78 -12.31 5.73
N GLY A 3 -11.00 -12.74 6.97
CA GLY A 3 -9.96 -13.46 7.70
C GLY A 3 -8.92 -12.50 8.27
N GLY A 4 -7.70 -12.97 8.44
CA GLY A 4 -6.62 -12.13 8.98
C GLY A 4 -6.88 -11.74 10.43
N GLN A 5 -6.32 -10.60 10.85
CA GLN A 5 -6.49 -10.12 12.22
C GLN A 5 -6.50 -8.60 12.34
N GLU A 6 -6.77 -8.13 13.55
CA GLU A 6 -6.78 -6.69 13.81
C GLU A 6 -5.39 -6.12 13.70
N CYS A 7 -5.29 -4.89 13.22
CA CYS A 7 -4.03 -4.18 13.30
C CYS A 7 -3.94 -3.76 14.76
N LYS A 8 -2.86 -4.17 15.43
CA LYS A 8 -2.64 -3.80 16.81
C LYS A 8 -2.02 -2.39 16.87
N ASP A 9 -1.92 -1.84 18.07
CA ASP A 9 -1.45 -0.46 18.24
C ASP A 9 -0.13 -0.21 17.49
N GLY A 10 -0.17 0.75 16.57
CA GLY A 10 1.02 1.13 15.80
C GLY A 10 1.43 0.26 14.63
N GLU A 11 0.68 -0.81 14.35
CA GLU A 11 1.05 -1.78 13.33
C GLU A 11 0.72 -1.43 11.88
N CYS A 12 -0.26 -0.57 11.66
CA CYS A 12 -0.67 -0.19 10.30
C CYS A 12 -0.79 1.34 10.18
N PRO A 13 0.28 2.08 10.54
CA PRO A 13 0.19 3.54 10.66
C PRO A 13 -0.01 4.32 9.37
N TRP A 14 0.30 3.71 8.21
CA TRP A 14 0.11 4.30 6.85
C TRP A 14 -1.28 4.17 6.29
N GLN A 15 -2.20 3.52 7.02
CA GLN A 15 -3.60 3.37 6.55
C GLN A 15 -4.38 4.70 6.55
N ALA A 16 -5.04 5.03 5.44
CA ALA A 16 -5.93 6.19 5.37
C ALA A 16 -7.32 5.68 5.02
N LEU A 17 -8.36 6.45 5.37
CA LEU A 17 -9.75 6.08 5.06
C LEU A 17 -10.45 7.25 4.38
N LEU A 18 -11.02 7.02 3.19
CA LEU A 18 -11.75 8.09 2.51
C LEU A 18 -13.18 8.05 3.04
N ILE A 19 -13.66 9.18 3.54
CA ILE A 19 -14.98 9.24 4.19
C ILE A 19 -15.94 10.15 3.43
N ASN A 20 -17.19 9.74 3.34
CA ASN A 20 -18.22 10.52 2.66
C ASN A 20 -18.83 11.54 3.64
N GLU A 21 -19.79 12.31 3.13
CA GLU A 21 -20.50 13.35 3.88
C GLU A 21 -21.19 12.86 5.16
N GLU A 22 -21.47 11.56 5.23
CA GLU A 22 -22.10 10.96 6.41
C GLU A 22 -21.07 10.34 7.37
N ASN A 23 -19.79 10.69 7.20
CA ASN A 23 -18.68 10.14 8.00
C ASN A 23 -18.52 8.61 7.92
N GLU A 24 -18.86 8.05 6.77
CA GLU A 24 -18.73 6.61 6.53
C GLU A 24 -17.63 6.34 5.51
N GLY A 25 -16.77 5.38 5.79
CA GLY A 25 -15.69 5.03 4.87
C GLY A 25 -16.21 4.28 3.64
N PHE A 26 -15.74 4.68 2.46
CA PHE A 26 -16.10 3.98 1.22
C PHE A 26 -14.89 3.38 0.48
N CYS A 27 -13.69 3.81 0.85
CA CYS A 27 -12.43 3.33 0.24
C CYS A 27 -11.24 3.60 1.16
N GLY A 28 -10.11 2.96 0.85
CA GLY A 28 -8.86 3.14 1.60
C GLY A 28 -7.88 4.00 0.83
N GLY A 29 -6.71 4.21 1.45
CA GLY A 29 -5.58 4.94 0.87
C GLY A 29 -4.31 4.63 1.67
N THR A 30 -3.16 5.03 1.11
CA THR A 30 -1.86 4.90 1.78
C THR A 30 -1.18 6.27 1.98
N ILE A 31 -0.76 6.57 3.22
CA ILE A 31 -0.04 7.79 3.51
C ILE A 31 1.37 7.70 2.88
N LEU A 32 1.70 8.60 1.95
CA LEU A 32 3.02 8.64 1.32
C LEU A 32 3.94 9.70 1.91
N SER A 33 3.35 10.78 2.44
CA SER A 33 4.14 11.90 3.03
C SER A 33 3.17 12.79 3.78
N GLU A 34 3.64 13.90 4.37
CA GLU A 34 2.73 14.75 5.15
C GLU A 34 1.58 15.35 4.31
N PHE A 35 1.83 15.55 3.02
CA PHE A 35 0.83 16.13 2.10
C PHE A 35 0.11 15.18 1.13
N TYR A 36 0.61 13.96 0.92
CA TYR A 36 0.03 13.07 -0.11
C TYR A 36 -0.50 11.69 0.30
N ILE A 37 -1.64 11.33 -0.30
CA ILE A 37 -2.32 10.03 -0.12
C ILE A 37 -2.41 9.29 -1.47
N LEU A 38 -2.07 8.00 -1.47
CA LEU A 38 -2.20 7.17 -2.66
C LEU A 38 -3.52 6.39 -2.57
N THR A 39 -4.29 6.36 -3.66
CA THR A 39 -5.56 5.60 -3.67
C THR A 39 -5.87 5.01 -5.07
N ALA A 40 -7.04 4.39 -5.22
CA ALA A 40 -7.46 3.84 -6.52
C ALA A 40 -8.29 4.87 -7.27
N ALA A 41 -8.05 5.01 -8.58
CA ALA A 41 -8.84 5.90 -9.43
C ALA A 41 -10.32 5.57 -9.41
N HIS A 42 -10.67 4.29 -9.42
CA HIS A 42 -12.08 3.89 -9.42
C HIS A 42 -12.83 4.35 -8.19
N CYS A 43 -12.11 4.64 -7.10
CA CYS A 43 -12.75 5.09 -5.87
C CYS A 43 -13.32 6.51 -5.98
N LEU A 44 -12.86 7.26 -6.98
CA LEU A 44 -13.22 8.67 -7.15
C LEU A 44 -14.53 8.95 -7.89
N TYR A 45 -15.55 8.14 -7.63
CA TYR A 45 -16.86 8.34 -8.24
C TYR A 45 -18.00 8.19 -7.24
N LYS A 48 -19.46 12.29 -4.16
CA LYS A 48 -18.63 13.22 -4.92
C LYS A 48 -17.69 14.01 -4.02
N ARG A 49 -18.19 14.46 -2.88
CA ARG A 49 -17.40 15.24 -1.93
C ARG A 49 -16.96 14.32 -0.80
N PHE A 50 -15.64 14.26 -0.57
CA PHE A 50 -15.07 13.40 0.47
C PHE A 50 -13.86 14.03 1.18
N LYS A 51 -13.54 13.47 2.34
CA LYS A 51 -12.39 13.86 3.15
C LYS A 51 -11.53 12.61 3.45
N VAL A 52 -10.38 12.82 4.09
CA VAL A 52 -9.48 11.70 4.43
C VAL A 52 -9.27 11.61 5.95
N ARG A 53 -9.54 10.44 6.53
CA ARG A 53 -9.26 10.23 7.96
C ARG A 53 -8.01 9.35 8.16
N VAL A 54 -7.18 9.73 9.14
CA VAL A 54 -5.96 9.00 9.50
C VAL A 54 -5.91 8.77 11.02
N GLY A 55 -5.13 7.76 11.42
CA GLY A 55 -4.91 7.46 12.85
C GLY A 55 -6.09 6.78 13.53
N ASP A 56 -6.93 6.11 12.76
CA ASP A 56 -8.09 5.44 13.32
C ASP A 56 -7.89 3.92 13.29
N ARG A 57 -8.31 3.21 14.33
CA ARG A 57 -8.27 1.74 14.34
C ARG A 57 -9.63 1.14 14.73
N ASN A 58 -10.44 1.96 15.40
CA ASN A 58 -11.78 1.57 15.87
C ASN A 58 -12.73 2.73 15.57
N THR A 59 -13.57 2.59 14.54
CA THR A 59 -14.50 3.66 14.15
C THR A 59 -15.63 3.97 15.16
N GLU A 60 -15.76 3.16 16.21
CA GLU A 60 -16.81 3.37 17.21
C GLU A 60 -16.36 4.00 18.53
N GLN A 61 -15.09 4.36 18.62
CA GLN A 61 -14.55 5.01 19.81
C GLN A 61 -13.59 6.15 19.49
N GLU A 62 -13.63 7.17 20.34
CA GLU A 62 -12.71 8.30 20.22
C GLU A 62 -11.40 7.92 20.90
N GLU A 63 -10.38 7.69 20.08
CA GLU A 63 -9.06 7.33 20.57
C GLU A 63 -8.28 8.56 21.06
N GLY A 64 -8.12 9.54 20.16
CA GLY A 64 -7.35 10.73 20.46
C GLY A 64 -6.22 10.89 19.46
N GLY A 65 -6.07 9.89 18.59
CA GLY A 65 -5.05 9.92 17.55
C GLY A 65 -5.61 10.26 16.18
N GLU A 66 -6.94 10.25 16.04
CA GLU A 66 -7.62 10.48 14.75
C GLU A 66 -7.55 11.93 14.24
N ALA A 67 -7.49 12.09 12.93
CA ALA A 67 -7.47 13.42 12.31
C ALA A 67 -8.12 13.39 10.92
N VAL A 68 -9.04 14.32 10.68
CA VAL A 68 -9.69 14.43 9.37
C VAL A 68 -8.97 15.53 8.59
N HIS A 69 -8.69 15.28 7.31
CA HIS A 69 -8.06 16.26 6.41
C HIS A 69 -8.87 16.48 5.17
N GLU A 70 -8.95 17.75 4.77
CA GLU A 70 -9.60 18.12 3.50
C GLU A 70 -8.65 17.94 2.34
N VAL A 71 -9.22 17.60 1.18
CA VAL A 71 -8.45 17.40 -0.04
C VAL A 71 -8.39 18.69 -0.87
N GLU A 72 -7.18 19.10 -1.24
CA GLU A 72 -6.98 20.27 -2.07
C GLU A 72 -7.01 19.94 -3.56
N VAL A 73 -6.34 18.87 -3.96
CA VAL A 73 -6.27 18.48 -5.36
C VAL A 73 -6.44 16.97 -5.52
N VAL A 74 -7.25 16.56 -6.51
CA VAL A 74 -7.39 15.15 -6.88
C VAL A 74 -6.59 14.95 -8.17
N ILE A 75 -5.61 14.04 -8.15
CA ILE A 75 -4.77 13.76 -9.32
C ILE A 75 -5.00 12.30 -9.78
N LYS A 76 -5.87 12.13 -10.77
CA LYS A 76 -6.23 10.81 -11.28
C LYS A 76 -5.40 10.48 -12.52
N HIS A 77 -5.02 9.22 -12.71
CA HIS A 77 -4.24 8.89 -13.93
C HIS A 77 -5.15 9.10 -15.11
N ASN A 78 -4.67 9.85 -16.10
CA ASN A 78 -5.51 10.19 -17.27
C ASN A 78 -5.87 8.99 -18.16
N ARG A 79 -5.10 7.90 -18.06
CA ARG A 79 -5.34 6.68 -18.85
C ARG A 79 -6.21 5.63 -18.14
N PHE A 80 -6.83 6.01 -17.03
CA PHE A 80 -7.73 5.11 -16.31
C PHE A 80 -8.97 4.72 -17.14
N THR A 81 -9.23 3.43 -17.25
CA THR A 81 -10.37 2.93 -18.03
C THR A 81 -11.33 2.18 -17.12
N LYS A 82 -12.58 2.63 -17.13
CA LYS A 82 -13.62 2.06 -16.29
C LYS A 82 -14.01 0.61 -16.56
N GLU A 83 -13.90 0.17 -17.80
CA GLU A 83 -14.33 -1.21 -18.12
C GLU A 83 -13.34 -2.28 -17.67
N THR A 84 -12.05 -2.02 -17.83
CA THR A 84 -11.02 -3.00 -17.43
C THR A 84 -10.33 -2.71 -16.07
N TYR A 85 -10.49 -1.48 -15.57
CA TYR A 85 -9.81 -0.98 -14.36
C TYR A 85 -8.31 -0.84 -14.53
N ASP A 86 -7.86 -0.71 -15.79
CA ASP A 86 -6.45 -0.49 -16.10
C ASP A 86 -6.08 0.93 -15.65
N PHE A 87 -4.84 1.14 -15.22
CA PHE A 87 -4.37 2.44 -14.69
C PHE A 87 -5.25 2.88 -13.50
N ASP A 88 -5.50 1.95 -12.58
CA ASP A 88 -6.34 2.23 -11.42
C ASP A 88 -5.49 2.85 -10.30
N ILE A 89 -5.17 4.14 -10.44
CA ILE A 89 -4.30 4.83 -9.49
C ILE A 89 -4.60 6.34 -9.46
N ALA A 90 -4.60 6.91 -8.27
CA ALA A 90 -4.78 8.35 -8.06
C ALA A 90 -3.93 8.81 -6.88
N VAL A 91 -3.56 10.08 -6.89
CA VAL A 91 -2.83 10.71 -5.78
C VAL A 91 -3.63 11.95 -5.32
N LEU A 92 -3.77 12.12 -4.01
CA LEU A 92 -4.49 13.24 -3.41
C LEU A 92 -3.53 14.18 -2.67
N ARG A 93 -3.63 15.49 -2.94
CA ARG A 93 -2.87 16.47 -2.13
C ARG A 93 -3.83 17.06 -1.09
N LEU A 94 -3.42 17.03 0.17
CA LEU A 94 -4.25 17.52 1.26
C LEU A 94 -4.05 19.03 1.47
N LYS A 95 -5.09 19.73 1.94
CA LYS A 95 -4.99 21.17 2.25
C LYS A 95 -4.03 21.47 3.41
N THR A 96 -4.03 20.62 4.45
CA THR A 96 -3.16 20.81 5.62
C THR A 96 -2.23 19.57 5.83
N PRO A 97 -0.99 19.76 6.33
CA PRO A 97 -0.10 18.60 6.47
C PRO A 97 -0.49 17.65 7.59
N ILE A 98 -0.25 16.36 7.39
CA ILE A 98 -0.53 15.35 8.42
C ILE A 98 0.58 15.41 9.48
N THR A 99 0.20 15.43 10.75
N THR A 99 0.20 15.46 10.75
CA THR A 99 1.17 15.42 11.83
CA THR A 99 1.17 15.46 11.85
C THR A 99 1.37 13.97 12.24
C THR A 99 1.38 14.00 12.28
N PHE A 100 2.56 13.45 11.99
CA PHE A 100 2.87 12.06 12.32
C PHE A 100 2.88 11.86 13.84
N ARG A 101 2.43 10.68 14.29
CA ARG A 101 2.34 10.34 15.72
C ARG A 101 2.09 8.84 15.81
N MET A 102 1.75 8.36 17.00
CA MET A 102 1.39 6.97 17.19
C MET A 102 0.22 6.68 16.24
N ASN A 103 0.32 5.57 15.49
CA ASN A 103 -0.68 5.19 14.47
C ASN A 103 -0.79 6.07 13.21
N VAL A 104 0.12 7.01 13.00
CA VAL A 104 0.07 7.90 11.83
C VAL A 104 1.50 8.11 11.30
N ALA A 105 1.87 7.37 10.25
CA ALA A 105 3.23 7.47 9.65
C ALA A 105 3.21 7.01 8.18
N PRO A 106 4.16 7.48 7.34
CA PRO A 106 4.08 7.05 5.95
C PRO A 106 4.76 5.71 5.65
N ALA A 107 4.34 5.07 4.56
CA ALA A 107 4.98 3.86 4.04
C ALA A 107 6.08 4.30 3.06
N CYS A 108 7.14 3.51 2.87
CA CYS A 108 8.21 3.91 1.94
C CYS A 108 7.92 3.60 0.48
N LEU A 109 8.26 4.53 -0.42
CA LEU A 109 8.20 4.24 -1.85
C LEU A 109 9.53 3.58 -2.23
N PRO A 110 9.50 2.41 -2.88
CA PRO A 110 10.76 1.75 -3.24
C PRO A 110 11.22 2.19 -4.64
N GLU A 111 12.45 1.86 -5.01
CA GLU A 111 12.93 2.05 -6.40
C GLU A 111 12.42 0.85 -7.24
N ARG A 112 12.05 1.10 -8.50
CA ARG A 112 11.46 0.07 -9.39
C ARG A 112 12.18 -1.27 -9.50
N ASP A 113 13.43 -1.27 -9.98
CA ASP A 113 14.14 -2.52 -10.22
C ASP A 113 14.32 -3.37 -8.98
N TRP A 114 14.74 -2.73 -7.90
CA TRP A 114 14.91 -3.43 -6.62
C TRP A 114 13.61 -4.03 -6.11
N ALA A 115 12.54 -3.27 -6.15
CA ALA A 115 11.20 -3.74 -5.73
C ALA A 115 10.73 -4.97 -6.56
N GLU A 116 10.95 -4.92 -7.87
CA GLU A 116 10.51 -6.02 -8.75
C GLU A 116 11.32 -7.29 -8.59
N SER A 117 12.63 -7.16 -8.41
CA SER A 117 13.45 -8.38 -8.21
C SER A 117 13.50 -8.90 -6.77
N THR A 118 13.37 -7.99 -5.79
CA THR A 118 13.53 -8.36 -4.38
C THR A 118 12.26 -8.33 -3.50
N LEU A 119 11.42 -7.31 -3.65
CA LEU A 119 10.16 -7.26 -2.85
C LEU A 119 9.07 -8.16 -3.44
N MET A 120 8.87 -8.06 -4.75
CA MET A 120 7.80 -8.83 -5.39
C MET A 120 8.11 -10.31 -5.59
N THR A 121 9.33 -10.72 -5.24
CA THR A 121 9.72 -12.13 -5.26
C THR A 121 9.72 -12.75 -3.86
N GLN A 122 9.35 -11.96 -2.84
CA GLN A 122 9.20 -12.43 -1.46
C GLN A 122 7.97 -13.35 -1.48
N LYS A 123 7.78 -14.13 -0.40
CA LYS A 123 6.65 -15.05 -0.33
C LYS A 123 5.30 -14.32 -0.22
N THR A 124 5.25 -13.30 0.62
CA THR A 124 3.98 -12.61 0.88
C THR A 124 4.06 -11.08 0.96
N GLY A 125 2.89 -10.45 0.80
CA GLY A 125 2.69 -9.01 1.02
C GLY A 125 1.61 -8.87 2.11
N ILE A 126 1.32 -7.64 2.55
CA ILE A 126 0.31 -7.42 3.59
C ILE A 126 -0.73 -6.41 3.10
N VAL A 127 -2.01 -6.79 3.17
CA VAL A 127 -3.12 -5.91 2.73
C VAL A 127 -3.89 -5.49 3.99
N SER A 128 -4.45 -4.29 3.99
CA SER A 128 -5.17 -3.77 5.18
C SER A 128 -6.38 -2.90 4.81
N GLY A 129 -7.38 -2.84 5.71
CA GLY A 129 -8.58 -2.04 5.46
C GLY A 129 -9.76 -2.18 6.43
N PHE A 130 -10.74 -1.30 6.27
CA PHE A 130 -11.99 -1.30 7.07
C PHE A 130 -13.13 -1.91 6.24
N GLY A 131 -12.78 -2.68 5.20
CA GLY A 131 -13.77 -3.27 4.32
C GLY A 131 -14.54 -4.45 4.91
N ARG A 132 -15.50 -4.95 4.14
CA ARG A 132 -16.34 -6.08 4.55
C ARG A 132 -15.55 -7.31 5.02
N THR A 133 -16.06 -7.97 6.06
CA THR A 133 -15.42 -9.16 6.65
C THR A 133 -15.83 -10.50 6.00
N HIS A 134 -16.72 -10.41 5.01
CA HIS A 134 -17.14 -11.52 4.13
C HIS A 134 -17.94 -10.92 2.99
N GLU A 135 -17.93 -11.60 1.84
CA GLU A 135 -18.53 -11.08 0.60
C GLU A 135 -19.86 -10.31 0.73
N LYS A 136 -20.76 -10.78 1.58
CA LYS A 136 -22.07 -10.12 1.72
C LYS A 136 -22.40 -9.60 3.12
N GLY A 137 -21.35 -9.31 3.90
CA GLY A 137 -21.51 -8.76 5.24
C GLY A 137 -21.37 -7.25 5.27
N ARG A 138 -21.26 -6.69 6.47
CA ARG A 138 -21.06 -5.26 6.65
C ARG A 138 -19.57 -4.95 6.76
N GLN A 139 -19.23 -3.67 6.61
CA GLN A 139 -17.84 -3.23 6.74
C GLN A 139 -17.40 -3.38 8.19
N SER A 140 -16.09 -3.45 8.38
CA SER A 140 -15.53 -3.62 9.71
C SER A 140 -15.42 -2.28 10.46
N THR A 141 -15.73 -2.30 11.75
CA THR A 141 -15.54 -1.11 12.57
C THR A 141 -14.10 -1.11 13.10
N ARG A 142 -13.39 -2.24 12.90
CA ARG A 142 -11.99 -2.40 13.31
C ARG A 142 -11.09 -2.49 12.10
N LEU A 143 -9.94 -1.81 12.14
CA LEU A 143 -8.96 -1.94 11.05
C LEU A 143 -8.33 -3.32 11.07
N LYS A 144 -8.35 -4.00 9.93
CA LYS A 144 -7.78 -5.34 9.80
C LYS A 144 -6.60 -5.42 8.81
N MET A 145 -5.70 -6.38 9.04
CA MET A 145 -4.57 -6.67 8.15
C MET A 145 -4.56 -8.18 7.82
N LEU A 146 -3.93 -8.52 6.70
CA LEU A 146 -3.85 -9.91 6.23
C LEU A 146 -2.60 -10.17 5.38
N GLU A 147 -1.85 -11.23 5.68
CA GLU A 147 -0.72 -11.64 4.84
C GLU A 147 -1.26 -12.34 3.61
N VAL A 148 -0.87 -11.87 2.43
CA VAL A 148 -1.33 -12.47 1.18
C VAL A 148 -0.16 -12.92 0.31
N PRO A 149 -0.15 -14.21 -0.10
CA PRO A 149 0.98 -14.65 -0.93
C PRO A 149 0.98 -14.00 -2.31
N TYR A 150 2.16 -13.73 -2.85
CA TYR A 150 2.23 -13.32 -4.26
C TYR A 150 1.81 -14.52 -5.10
N VAL A 151 1.06 -14.28 -6.16
CA VAL A 151 0.57 -15.38 -7.01
C VAL A 151 1.27 -15.35 -8.36
N ASP A 152 1.68 -16.53 -8.82
CA ASP A 152 2.31 -16.70 -10.13
C ASP A 152 1.43 -16.05 -11.20
N ARG A 153 2.06 -15.22 -12.01
CA ARG A 153 1.37 -14.44 -13.03
C ARG A 153 0.58 -15.26 -14.08
N ASN A 154 1.16 -16.35 -14.56
CA ASN A 154 0.45 -17.21 -15.51
C ASN A 154 -0.80 -17.84 -14.86
N SER A 155 -0.65 -18.38 -13.64
CA SER A 155 -1.78 -18.97 -12.92
C SER A 155 -2.92 -17.98 -12.77
N CYS A 156 -2.57 -16.74 -12.41
CA CYS A 156 -3.57 -15.71 -12.23
C CYS A 156 -4.33 -15.43 -13.51
N LYS A 157 -3.63 -15.31 -14.62
CA LYS A 157 -4.26 -15.05 -15.91
C LYS A 157 -5.22 -16.18 -16.29
N LEU A 158 -4.80 -17.42 -16.03
CA LEU A 158 -5.67 -18.59 -16.28
C LEU A 158 -6.95 -18.59 -15.43
N SER A 159 -6.83 -18.16 -14.17
CA SER A 159 -7.97 -18.15 -13.24
C SER A 159 -8.99 -17.03 -13.48
N SER A 160 -8.55 -15.97 -14.17
CA SER A 160 -9.38 -14.78 -14.34
C SER A 160 -10.29 -14.76 -15.57
N SER A 161 -11.53 -14.32 -15.33
CA SER A 161 -12.53 -14.17 -16.39
C SER A 161 -12.32 -12.85 -17.12
N PHE A 162 -11.55 -11.94 -16.53
CA PHE A 162 -11.28 -10.62 -17.13
C PHE A 162 -9.78 -10.39 -17.29
N ILE A 163 -9.41 -9.59 -18.29
CA ILE A 163 -8.01 -9.29 -18.62
C ILE A 163 -7.18 -8.76 -17.43
N ILE A 164 -5.98 -9.31 -17.29
CA ILE A 164 -4.99 -8.87 -16.29
C ILE A 164 -3.89 -8.14 -17.08
N THR A 165 -3.91 -6.81 -17.03
CA THR A 165 -2.96 -6.00 -17.78
C THR A 165 -1.58 -5.96 -17.11
N GLN A 166 -0.62 -5.34 -17.80
CA GLN A 166 0.74 -5.15 -17.31
C GLN A 166 0.81 -4.24 -16.05
N ASN A 167 -0.30 -3.56 -15.78
CA ASN A 167 -0.44 -2.63 -14.66
C ASN A 167 -1.08 -3.25 -13.42
N MET A 168 -1.21 -4.57 -13.43
CA MET A 168 -1.86 -5.31 -12.36
C MET A 168 -1.03 -6.53 -11.98
N PHE A 169 -1.22 -6.99 -10.75
CA PHE A 169 -0.64 -8.26 -10.27
C PHE A 169 -1.63 -8.95 -9.34
N CYS A 170 -1.41 -10.24 -9.09
CA CYS A 170 -2.35 -11.00 -8.26
C CYS A 170 -1.75 -11.46 -6.95
N ALA A 171 -2.57 -11.48 -5.90
CA ALA A 171 -2.17 -11.95 -4.57
C ALA A 171 -3.36 -12.58 -3.86
N GLY A 172 -3.08 -13.46 -2.91
CA GLY A 172 -4.13 -14.13 -2.16
C GLY A 172 -4.01 -15.65 -2.17
N TYR A 173 -5.14 -16.31 -2.01
CA TYR A 173 -5.18 -17.76 -1.90
C TYR A 173 -6.13 -18.37 -2.92
N ASP A 174 -5.86 -19.63 -3.28
CA ASP A 174 -6.71 -20.39 -4.21
C ASP A 174 -8.03 -20.75 -3.52
N THR A 175 -7.96 -21.48 -2.40
CA THR A 175 -9.19 -21.89 -1.70
C THR A 175 -9.38 -21.31 -0.28
N LYS A 176 -8.29 -21.09 0.46
CA LYS A 176 -8.40 -20.56 1.83
C LYS A 176 -9.30 -19.31 1.92
N GLN A 177 -10.03 -19.17 3.03
CA GLN A 177 -10.98 -18.05 3.22
C GLN A 177 -10.38 -16.73 3.74
N GLU A 178 -9.39 -16.22 3.01
CA GLU A 178 -8.74 -14.95 3.33
C GLU A 178 -8.55 -14.14 2.03
N ASP A 179 -8.95 -12.86 2.07
CA ASP A 179 -8.93 -11.95 0.90
C ASP A 179 -9.31 -10.52 1.32
N ALA A 180 -9.11 -9.55 0.42
CA ALA A 180 -9.58 -8.19 0.63
C ALA A 180 -11.03 -8.24 0.16
N CYS A 181 -11.78 -7.14 0.30
CA CYS A 181 -13.20 -7.15 -0.12
C CYS A 181 -13.74 -5.74 -0.35
N GLN A 182 -15.07 -5.60 -0.43
CA GLN A 182 -15.70 -4.29 -0.67
C GLN A 182 -15.34 -3.26 0.40
N GLY A 183 -14.96 -2.06 -0.02
CA GLY A 183 -14.56 -1.00 0.92
C GLY A 183 -13.05 -0.92 1.19
N ASP A 184 -12.33 -1.99 0.85
CA ASP A 184 -10.86 -2.04 1.01
C ASP A 184 -10.15 -1.36 -0.15
N SER A 185 -10.85 -1.20 -1.27
CA SER A 185 -10.32 -0.61 -2.50
C SER A 185 -9.58 0.70 -2.23
N GLY A 186 -8.44 0.90 -2.90
CA GLY A 186 -7.61 2.11 -2.75
C GLY A 186 -6.61 2.05 -1.61
N GLY A 187 -6.74 1.00 -0.78
CA GLY A 187 -5.89 0.80 0.40
C GLY A 187 -4.50 0.21 0.14
N PRO A 188 -3.70 0.07 1.22
CA PRO A 188 -2.33 -0.40 1.07
C PRO A 188 -2.11 -1.92 0.87
N HIS A 189 -1.16 -2.25 -0.01
CA HIS A 189 -0.55 -3.56 -0.14
C HIS A 189 0.89 -3.17 0.08
N VAL A 190 1.47 -3.63 1.20
CA VAL A 190 2.88 -3.34 1.52
C VAL A 190 3.71 -4.62 1.64
N THR A 191 5.02 -4.51 1.43
CA THR A 191 5.93 -5.66 1.54
C THR A 191 7.01 -5.31 2.54
N ARG A 192 7.21 -6.21 3.50
CA ARG A 192 8.17 -6.02 4.57
C ARG A 192 9.54 -6.53 4.13
N PHE A 193 10.59 -5.78 4.48
CA PHE A 193 11.98 -6.16 4.20
C PHE A 193 12.85 -5.60 5.31
N LYS A 194 13.50 -6.49 6.06
CA LYS A 194 14.32 -6.10 7.23
C LYS A 194 13.59 -5.08 8.14
N ASP A 195 12.39 -5.43 8.56
CA ASP A 195 11.56 -4.56 9.42
C ASP A 195 11.22 -3.15 8.88
N THR A 196 11.29 -2.98 7.55
CA THR A 196 10.83 -1.75 6.90
C THR A 196 9.79 -2.13 5.84
N TYR A 197 8.67 -1.38 5.81
CA TYR A 197 7.52 -1.65 4.95
C TYR A 197 7.43 -0.68 3.77
N PHE A 198 7.45 -1.27 2.55
CA PHE A 198 7.41 -0.52 1.30
C PHE A 198 6.10 -0.72 0.56
N VAL A 199 5.57 0.36 -0.03
CA VAL A 199 4.32 0.24 -0.82
C VAL A 199 4.57 -0.55 -2.11
N THR A 200 3.83 -1.65 -2.33
CA THR A 200 3.97 -2.49 -3.51
C THR A 200 2.66 -2.61 -4.34
N GLY A 201 1.53 -2.22 -3.77
CA GLY A 201 0.25 -2.33 -4.49
C GLY A 201 -0.86 -1.45 -3.98
N ILE A 202 -1.92 -1.34 -4.78
CA ILE A 202 -3.14 -0.64 -4.42
C ILE A 202 -4.28 -1.65 -4.60
N VAL A 203 -5.09 -1.86 -3.56
CA VAL A 203 -6.27 -2.74 -3.61
C VAL A 203 -7.18 -2.29 -4.76
N SER A 204 -7.43 -3.18 -5.73
CA SER A 204 -8.16 -2.76 -6.95
C SER A 204 -9.50 -3.50 -7.23
N TRP A 205 -9.45 -4.81 -7.43
CA TRP A 205 -10.66 -5.56 -7.74
C TRP A 205 -10.54 -7.05 -7.58
N GLY A 206 -11.66 -7.74 -7.74
CA GLY A 206 -11.72 -9.20 -7.64
C GLY A 206 -13.12 -9.70 -7.97
N GLU A 207 -13.23 -10.95 -8.41
CA GLU A 207 -14.55 -11.54 -8.72
C GLU A 207 -15.12 -12.06 -7.40
N GLY A 208 -15.79 -11.18 -6.66
CA GLY A 208 -16.25 -11.50 -5.30
C GLY A 208 -15.12 -11.43 -4.30
N CYS A 209 -15.30 -12.03 -3.13
CA CYS A 209 -14.28 -11.99 -2.08
C CYS A 209 -13.96 -13.40 -1.56
N ALA A 210 -12.70 -13.81 -1.72
CA ALA A 210 -12.21 -15.13 -1.30
C ALA A 210 -12.89 -16.35 -1.96
N ARG A 211 -13.39 -16.17 -3.18
CA ARG A 211 -13.99 -17.28 -3.94
C ARG A 211 -12.94 -18.26 -4.42
N LYS A 212 -13.31 -19.54 -4.50
CA LYS A 212 -12.39 -20.59 -4.96
C LYS A 212 -11.97 -20.36 -6.41
N GLY A 213 -10.68 -20.62 -6.68
CA GLY A 213 -10.11 -20.40 -8.01
C GLY A 213 -10.05 -18.94 -8.45
N LYS A 214 -10.18 -18.01 -7.49
CA LYS A 214 -10.12 -16.56 -7.74
C LYS A 214 -9.14 -15.86 -6.78
N TYR A 215 -8.42 -14.85 -7.27
CA TYR A 215 -7.42 -14.11 -6.47
C TYR A 215 -7.74 -12.61 -6.39
N GLY A 216 -7.05 -11.88 -5.50
CA GLY A 216 -7.21 -10.42 -5.43
C GLY A 216 -6.33 -9.73 -6.46
N ILE A 217 -6.90 -8.76 -7.18
CA ILE A 217 -6.15 -8.01 -8.18
C ILE A 217 -5.79 -6.61 -7.65
N TYR A 218 -4.50 -6.29 -7.77
CA TYR A 218 -3.92 -5.06 -7.24
C TYR A 218 -3.23 -4.24 -8.32
N THR A 219 -3.30 -2.92 -8.21
CA THR A 219 -2.53 -2.06 -9.12
C THR A 219 -1.02 -2.23 -8.81
N LYS A 220 -0.22 -2.42 -9.86
CA LYS A 220 1.23 -2.61 -9.75
C LYS A 220 1.94 -1.26 -9.57
N VAL A 221 2.15 -0.87 -8.31
CA VAL A 221 2.80 0.39 -7.96
C VAL A 221 4.16 0.60 -8.66
N THR A 222 4.94 -0.47 -8.81
CA THR A 222 6.27 -0.32 -9.42
C THR A 222 6.28 0.24 -10.87
N ALA A 223 5.17 0.06 -11.60
CA ALA A 223 5.00 0.60 -12.96
C ALA A 223 4.65 2.10 -12.95
N PHE A 224 4.27 2.61 -11.78
CA PHE A 224 3.87 4.01 -11.62
C PHE A 224 4.75 4.90 -10.75
N LEU A 225 5.96 4.46 -10.42
CA LEU A 225 6.85 5.24 -9.54
C LEU A 225 7.26 6.62 -10.09
N LYS A 226 7.58 6.72 -11.39
CA LYS A 226 7.90 8.03 -11.97
C LYS A 226 6.66 8.92 -11.98
N TRP A 227 5.52 8.34 -12.31
CA TRP A 227 4.25 9.05 -12.31
C TRP A 227 3.89 9.61 -10.93
N ILE A 228 3.99 8.76 -9.91
CA ILE A 228 3.78 9.17 -8.52
C ILE A 228 4.75 10.33 -8.16
N ASP A 229 6.03 10.17 -8.49
CA ASP A 229 7.01 11.23 -8.20
C ASP A 229 6.64 12.57 -8.84
N ARG A 230 6.16 12.53 -10.10
CA ARG A 230 5.74 13.76 -10.78
C ARG A 230 4.54 14.37 -10.08
N SER A 231 3.54 13.55 -9.79
CA SER A 231 2.34 14.02 -9.11
C SER A 231 2.62 14.69 -7.76
N MET A 232 3.63 14.20 -7.04
CA MET A 232 3.94 14.74 -5.71
C MET A 232 4.80 16.02 -5.74
N LYS A 233 5.10 16.53 -6.93
CA LYS A 233 5.88 17.77 -7.06
C LYS A 233 5.01 18.92 -7.55
N THR A 234 3.99 18.58 -8.35
CA THR A 234 3.05 19.55 -8.89
C THR A 234 1.62 19.05 -8.67
N ARG B 81 24.30 -17.03 -7.50
CA ARG B 81 23.97 -15.77 -6.76
C ARG B 81 25.23 -14.94 -6.55
N LYS B 82 25.25 -13.75 -7.14
CA LYS B 82 26.37 -12.85 -6.98
C LYS B 82 25.87 -11.42 -6.71
N LEU B 83 26.69 -10.63 -6.01
CA LEU B 83 26.39 -9.23 -5.71
C LEU B 83 24.99 -9.05 -5.09
N CYS B 84 24.12 -8.24 -5.71
CA CYS B 84 22.77 -8.00 -5.20
C CYS B 84 21.87 -9.25 -5.08
N SER B 85 22.19 -10.31 -5.83
CA SER B 85 21.44 -11.57 -5.72
C SER B 85 21.86 -12.38 -4.51
N LEU B 86 23.00 -12.04 -3.91
CA LEU B 86 23.46 -12.76 -2.73
C LEU B 86 23.10 -11.97 -1.46
N ASP B 87 22.02 -12.38 -0.82
CA ASP B 87 21.51 -11.72 0.39
C ASP B 87 21.41 -10.18 0.28
N ASN B 88 20.87 -9.70 -0.84
CA ASN B 88 20.68 -8.27 -1.07
C ASN B 88 21.98 -7.47 -1.01
N GLY B 89 23.11 -8.14 -1.27
CA GLY B 89 24.44 -7.51 -1.24
C GLY B 89 24.85 -6.94 0.12
N ASP B 90 24.20 -7.41 1.18
CA ASP B 90 24.41 -6.95 2.58
C ASP B 90 23.78 -5.57 2.86
N CYS B 91 23.04 -4.99 1.88
CA CYS B 91 22.39 -3.68 2.03
C CYS B 91 21.13 -3.74 2.91
N ASP B 92 20.88 -2.71 3.71
CA ASP B 92 19.63 -2.62 4.48
C ASP B 92 18.39 -2.46 3.57
N GLN B 93 18.54 -1.66 2.52
CA GLN B 93 17.41 -1.35 1.62
C GLN B 93 17.77 -1.58 0.14
N PHE B 94 17.89 -0.51 -0.67
CA PHE B 94 18.11 -0.68 -2.11
C PHE B 94 19.52 -1.16 -2.43
N CYS B 95 19.60 -2.13 -3.35
CA CYS B 95 20.87 -2.66 -3.84
C CYS B 95 20.90 -2.48 -5.36
N HIS B 96 22.02 -1.94 -5.85
CA HIS B 96 22.28 -1.71 -7.26
C HIS B 96 23.66 -2.25 -7.59
N GLU B 97 23.82 -2.83 -8.78
CA GLU B 97 25.12 -3.35 -9.22
C GLU B 97 25.76 -2.39 -10.22
N GLU B 98 26.98 -1.95 -9.93
CA GLU B 98 27.71 -1.04 -10.81
C GLU B 98 29.13 -1.55 -11.03
N GLN B 99 29.45 -1.87 -12.29
CA GLN B 99 30.79 -2.30 -12.69
C GLN B 99 31.30 -3.40 -11.75
N ASN B 100 30.59 -4.53 -11.76
CA ASN B 100 30.88 -5.70 -10.92
C ASN B 100 31.00 -5.41 -9.41
N SER B 101 30.26 -4.41 -8.93
CA SER B 101 30.32 -3.98 -7.54
C SER B 101 28.94 -3.60 -6.96
N VAL B 102 28.67 -3.99 -5.72
CA VAL B 102 27.41 -3.66 -5.02
C VAL B 102 27.41 -2.22 -4.52
N VAL B 103 26.35 -1.47 -4.84
CA VAL B 103 26.15 -0.11 -4.32
C VAL B 103 24.81 -0.06 -3.58
N CYS B 104 24.84 0.26 -2.28
CA CYS B 104 23.61 0.36 -1.48
C CYS B 104 23.08 1.79 -1.43
N SER B 105 21.76 1.95 -1.26
CA SER B 105 21.12 3.24 -1.06
C SER B 105 19.87 3.08 -0.17
N CYS B 106 19.23 4.20 0.19
CA CYS B 106 18.13 4.22 1.16
C CYS B 106 16.92 5.05 0.68
N ALA B 107 15.74 4.75 1.20
CA ALA B 107 14.53 5.54 0.92
C ALA B 107 14.68 6.97 1.40
N ARG B 108 13.83 7.86 0.89
CA ARG B 108 13.87 9.28 1.26
C ARG B 108 13.57 9.36 2.76
N GLY B 109 14.33 10.18 3.47
CA GLY B 109 14.21 10.28 4.93
C GLY B 109 15.21 9.41 5.69
N TYR B 110 16.05 8.66 4.98
CA TYR B 110 17.14 7.87 5.59
C TYR B 110 18.46 8.34 4.98
N THR B 111 19.55 8.20 5.72
CA THR B 111 20.88 8.48 5.17
C THR B 111 21.72 7.22 5.28
N LEU B 112 22.53 6.96 4.26
CA LEU B 112 23.39 5.79 4.24
C LEU B 112 24.46 5.94 5.34
N ALA B 113 24.65 4.91 6.15
CA ALA B 113 25.64 4.94 7.24
C ALA B 113 27.09 4.93 6.72
N ASP B 114 28.05 5.15 7.62
CA ASP B 114 29.49 5.15 7.29
C ASP B 114 29.99 3.88 6.61
N ASN B 115 29.45 2.72 7.00
CA ASN B 115 29.81 1.44 6.35
C ASN B 115 29.25 1.29 4.93
N GLY B 116 28.50 2.29 4.45
CA GLY B 116 27.89 2.26 3.11
C GLY B 116 26.83 1.17 2.89
N LYS B 117 26.27 0.65 3.98
CA LYS B 117 25.27 -0.42 3.88
C LYS B 117 23.99 -0.14 4.67
N ALA B 118 24.14 0.24 5.95
CA ALA B 118 22.99 0.49 6.80
C ALA B 118 22.30 1.82 6.47
N CYS B 119 20.99 1.87 6.73
CA CYS B 119 20.16 3.06 6.51
C CYS B 119 19.71 3.66 7.87
N ILE B 120 20.06 4.94 8.11
CA ILE B 120 19.75 5.61 9.38
C ILE B 120 18.69 6.71 9.22
N PRO B 121 17.63 6.69 10.05
CA PRO B 121 16.58 7.71 9.96
C PRO B 121 17.12 9.11 10.23
N THR B 122 16.70 10.09 9.42
CA THR B 122 17.18 11.45 9.61
C THR B 122 16.35 12.17 10.67
N GLY B 123 15.07 11.85 10.76
CA GLY B 123 14.19 12.50 11.74
C GLY B 123 13.16 11.58 12.35
N PRO B 124 12.23 12.13 13.16
CA PRO B 124 11.15 11.36 13.80
C PRO B 124 10.18 10.75 12.77
N TYR B 125 9.49 9.66 13.14
CA TYR B 125 8.53 8.96 12.26
C TYR B 125 9.05 8.74 10.81
N PRO B 126 10.17 7.99 10.65
CA PRO B 126 10.67 7.72 9.29
C PRO B 126 9.69 6.78 8.55
N CYS B 127 9.71 6.79 7.21
CA CYS B 127 8.79 5.94 6.45
C CYS B 127 9.03 4.45 6.71
N GLY B 128 7.95 3.67 6.60
CA GLY B 128 8.03 2.21 6.68
C GLY B 128 8.22 1.58 8.04
N LYS B 129 8.22 2.39 9.11
CA LYS B 129 8.37 1.87 10.47
C LYS B 129 7.08 1.89 11.28
N GLN B 130 6.73 0.75 11.85
CA GLN B 130 5.58 0.69 12.76
C GLN B 130 5.89 1.65 13.92
N THR B 131 4.86 2.32 14.44
CA THR B 131 5.05 3.32 15.50
C THR B 131 5.02 2.70 16.91
N LEU B 132 5.96 3.11 17.76
CA LEU B 132 6.08 2.59 19.16
C LEU B 132 5.72 3.63 20.23
N GLU B 133 5.71 4.91 19.83
CA GLU B 133 5.31 6.02 20.70
C GLU B 133 4.77 7.13 19.81
CA CA C . -11.60 5.75 16.57
C01 4O1 D . -14.61 -7.85 -11.34
C02 4O1 D . -14.75 -6.55 -10.52
N01 4O1 D . -15.57 -6.74 -9.32
C03 4O1 D . -16.83 -7.53 -9.30
C04 4O1 D . -17.52 -7.06 -8.02
C05 4O1 D . -16.32 -6.74 -7.12
N02 4O1 D . -16.57 -5.86 -5.97
C06 4O1 D . -16.91 -4.44 -6.19
C07 4O1 D . -18.35 -4.08 -5.89
N03 4O1 D . -18.67 -2.80 -6.00
O01 4O1 D . -19.16 -4.95 -5.53
S 4O1 D . -16.15 -6.36 -4.47
O02 4O1 D . -16.53 -7.74 -4.37
O03 4O1 D . -16.68 -5.41 -3.55
C08 4O1 D . -14.39 -6.29 -4.38
C09 4O1 D . -13.73 -5.07 -4.56
C10 4O1 D . -12.37 -5.00 -4.51
C11 4O1 D . -11.59 -6.17 -4.28
C12 4O1 D . -10.17 -6.14 -4.24
C13 4O1 D . -9.48 -7.31 -4.00
CL 4O1 D . -7.73 -7.26 -3.95
C14 4O1 D . -10.13 -8.52 -3.83
C15 4O1 D . -11.49 -8.58 -3.89
C16 4O1 D . -12.26 -7.41 -4.11
C17 4O1 D . -13.68 -7.45 -4.16
C18 4O1 D . -15.25 -6.27 -8.10
O04 4O1 D . -14.25 -5.61 -7.84
C19 4O1 D . -15.34 -5.43 -11.39
O1 4O1 D . -16.50 -5.09 -11.21
N04 4O1 D . -14.60 -4.84 -12.35
C20 4O1 D . -13.19 -5.26 -12.58
C21 4O1 D . -12.87 -5.57 -14.03
C22 4O1 D . -14.08 -6.03 -14.84
N1 4O1 D . -14.93 -5.00 -15.45
C23 4O1 D . -15.75 -5.61 -16.51
C24 4O1 D . -15.79 -4.26 -14.50
C1 4O1 D . -15.10 -3.80 -13.25
#